data_5KRM
#
_entry.id   5KRM
#
_cell.length_a   56.127
_cell.length_b   84.327
_cell.length_c   58.504
_cell.angle_alpha   90.000
_cell.angle_beta   108.650
_cell.angle_gamma   90.000
#
_symmetry.space_group_name_H-M   'P 1 21 1'
#
loop_
_entity.id
_entity.type
_entity.pdbx_description
1 polymer 'Estrogen receptor'
2 polymer NCOA2
3 non-polymer (1~{S},3~{a}~{R},7~{a}~{S})-5-[2,5-bis(fluoranyl)-4-oxidanyl-phenyl]-7~{a}-methyl-1,2,3,3~{a},4,7-hexahydroinden-1-ol
4 water water
#
loop_
_entity_poly.entity_id
_entity_poly.type
_entity_poly.pdbx_seq_one_letter_code
_entity_poly.pdbx_strand_id
1 'polypeptide(L)'
;IKRSKKNSLALSLTADQMVSALLDAEPPILYSEYDPTRPFSEASMMGLLTNLADRELVHMINWAKRVPGFVDLTLHDQVH
LLECAWLEILMIGLVWRSMEHPGKLLFAPNLLLDRNQGKCVEGMVEIFDMLLATSSRFRMMNLQGEEFVCLKSIILLNSG
VYTFLSSTLKSLEEKDHIHRVLDKITDTLIHLMAKAGLTLQQQHQRLAQLLLILSHIRHMSNKGMEHLYSMKCKNVVPLS
DLLLEMLDAHRLHAPTS
;
A,B
2 'polypeptide(L)' KHKILHRLLQDSSS C,D
#
loop_
_chem_comp.id
_chem_comp.type
_chem_comp.name
_chem_comp.formula
6WU non-polymer (1~{S},3~{a}~{R},7~{a}~{S})-5-[2,5-bis(fluoranyl)-4-oxidanyl-phenyl]-7~{a}-methyl-1,2,3,3~{a},4,7-hexahydroinden-1-ol 'C16 H18 F2 O2'
#
# COMPACT_ATOMS: atom_id res chain seq x y z
N SER A 8 28.52 -1.09 -7.59
CA SER A 8 27.99 -1.75 -6.41
C SER A 8 27.98 -3.27 -6.58
N LEU A 9 28.41 -3.98 -5.54
CA LEU A 9 28.50 -5.43 -5.60
C LEU A 9 27.13 -6.09 -5.62
N ALA A 10 26.13 -5.37 -5.12
CA ALA A 10 24.77 -5.89 -5.07
C ALA A 10 24.19 -6.09 -6.46
N LEU A 11 24.61 -5.25 -7.40
CA LEU A 11 24.08 -5.30 -8.76
C LEU A 11 24.73 -6.42 -9.58
N SER A 12 25.92 -6.83 -9.17
CA SER A 12 26.65 -7.89 -9.88
C SER A 12 26.23 -9.26 -9.38
N LEU A 13 25.33 -9.30 -8.41
CA LEU A 13 24.84 -10.55 -7.86
C LEU A 13 23.90 -11.25 -8.84
N THR A 14 24.08 -12.56 -8.98
CA THR A 14 23.15 -13.35 -9.77
C THR A 14 21.86 -13.55 -8.98
N ALA A 15 20.87 -14.18 -9.61
CA ALA A 15 19.61 -14.43 -8.94
C ALA A 15 19.78 -15.40 -7.79
N ASP A 16 20.50 -16.49 -8.04
CA ASP A 16 20.77 -17.50 -7.02
C ASP A 16 21.61 -16.94 -5.88
N GLN A 17 22.48 -15.99 -6.20
CA GLN A 17 23.30 -15.33 -5.18
C GLN A 17 22.45 -14.38 -4.35
N MET A 18 21.49 -13.74 -4.99
CA MET A 18 20.56 -12.86 -4.30
C MET A 18 19.75 -13.65 -3.27
N VAL A 19 19.20 -14.79 -3.73
CA VAL A 19 18.40 -15.66 -2.88
C VAL A 19 19.18 -16.16 -1.67
N SER A 20 20.39 -16.65 -1.92
CA SER A 20 21.23 -17.20 -0.85
C SER A 20 21.57 -16.16 0.20
N ALA A 21 21.93 -14.96 -0.25
CA ALA A 21 22.26 -13.87 0.67
C ALA A 21 21.08 -13.50 1.54
N LEU A 22 19.90 -13.41 0.93
CA LEU A 22 18.69 -13.03 1.64
C LEU A 22 18.25 -14.11 2.62
N LEU A 23 18.36 -15.37 2.21
CA LEU A 23 17.99 -16.50 3.07
C LEU A 23 18.94 -16.59 4.27
N ASP A 24 20.22 -16.32 4.04
CA ASP A 24 21.22 -16.36 5.10
C ASP A 24 21.03 -15.24 6.12
N ALA A 25 20.51 -14.11 5.66
CA ALA A 25 20.34 -12.93 6.50
C ALA A 25 19.08 -13.01 7.34
N GLU A 26 18.28 -14.06 7.12
CA GLU A 26 17.03 -14.25 7.82
C GLU A 26 17.20 -14.25 9.34
N PRO A 27 16.45 -13.40 10.04
CA PRO A 27 16.47 -13.32 11.49
C PRO A 27 15.78 -14.53 12.13
N PRO A 28 16.17 -14.87 13.37
CA PRO A 28 15.57 -16.03 14.03
C PRO A 28 14.16 -15.76 14.53
N ILE A 29 13.45 -16.83 14.89
CA ILE A 29 12.13 -16.70 15.50
C ILE A 29 12.27 -16.57 17.00
N LEU A 30 11.93 -15.40 17.53
CA LEU A 30 12.09 -15.11 18.94
C LEU A 30 10.89 -15.61 19.76
N TYR A 31 11.08 -15.71 21.07
CA TYR A 31 10.01 -16.12 21.97
C TYR A 31 9.41 -14.92 22.69
N SER A 32 8.17 -15.09 23.14
CA SER A 32 7.47 -14.05 23.89
C SER A 32 7.70 -14.20 25.39
N GLU A 33 7.37 -13.15 26.14
CA GLU A 33 7.47 -13.17 27.59
C GLU A 33 6.22 -13.77 28.22
N TYR A 34 5.42 -14.43 27.39
CA TYR A 34 4.09 -14.91 27.80
C TYR A 34 4.13 -15.72 29.10
N ASP A 35 3.36 -15.25 30.07
CA ASP A 35 3.24 -15.92 31.36
C ASP A 35 1.84 -16.50 31.51
N PRO A 36 1.73 -17.83 31.45
CA PRO A 36 0.45 -18.53 31.48
C PRO A 36 -0.17 -18.61 32.88
N THR A 37 0.52 -18.08 33.89
CA THR A 37 0.02 -18.13 35.26
C THR A 37 -1.05 -17.07 35.51
N ARG A 38 -1.13 -16.10 34.62
CA ARG A 38 -2.07 -14.99 34.77
C ARG A 38 -2.92 -14.79 33.52
N PRO A 39 -4.17 -14.34 33.69
CA PRO A 39 -5.05 -14.05 32.56
C PRO A 39 -4.61 -12.80 31.80
N PHE A 40 -5.04 -12.69 30.55
CA PHE A 40 -4.70 -11.54 29.73
C PHE A 40 -5.48 -10.29 30.15
N SER A 41 -4.77 -9.18 30.27
CA SER A 41 -5.40 -7.88 30.35
C SER A 41 -5.03 -7.12 29.09
N GLU A 42 -5.72 -6.01 28.81
CA GLU A 42 -5.39 -5.18 27.66
C GLU A 42 -3.94 -4.72 27.75
N ALA A 43 -3.53 -4.36 28.96
CA ALA A 43 -2.18 -3.87 29.21
C ALA A 43 -1.13 -4.96 29.03
N SER A 44 -1.39 -6.14 29.59
CA SER A 44 -0.41 -7.21 29.57
C SER A 44 -0.22 -7.77 28.15
N MET A 45 -1.29 -7.81 27.37
CA MET A 45 -1.19 -8.32 26.01
C MET A 45 -0.43 -7.33 25.13
N MET A 46 -0.75 -6.04 25.28
CA MET A 46 -0.01 -5.00 24.58
C MET A 46 1.45 -5.01 25.01
N GLY A 47 1.67 -5.33 26.29
CA GLY A 47 3.02 -5.44 26.82
C GLY A 47 3.80 -6.56 26.16
N LEU A 48 3.15 -7.71 25.98
CA LEU A 48 3.78 -8.85 25.34
C LEU A 48 4.17 -8.55 23.88
N LEU A 49 3.24 -7.95 23.14
CA LEU A 49 3.45 -7.69 21.71
C LEU A 49 4.53 -6.64 21.47
N THR A 50 4.52 -5.58 22.26
CA THR A 50 5.49 -4.50 22.10
C THR A 50 6.88 -4.91 22.61
N ASN A 51 6.90 -5.77 23.63
CA ASN A 51 8.15 -6.33 24.10
C ASN A 51 8.79 -7.18 23.00
N LEU A 52 7.96 -7.99 22.35
CA LEU A 52 8.42 -8.84 21.29
C LEU A 52 8.91 -8.03 20.10
N ALA A 53 8.13 -7.02 19.71
CA ALA A 53 8.48 -6.18 18.57
C ALA A 53 9.82 -5.48 18.77
N ASP A 54 10.05 -5.05 20.01
CA ASP A 54 11.28 -4.35 20.37
C ASP A 54 12.52 -5.23 20.17
N ARG A 55 12.45 -6.48 20.62
CA ARG A 55 13.57 -7.41 20.46
C ARG A 55 13.75 -7.80 19.00
N GLU A 56 12.64 -7.90 18.26
CA GLU A 56 12.70 -8.17 16.82
C GLU A 56 13.35 -7.02 16.07
N LEU A 57 13.10 -5.79 16.51
CA LEU A 57 13.64 -4.61 15.85
C LEU A 57 15.17 -4.62 15.80
N VAL A 58 15.80 -5.03 16.90
CA VAL A 58 17.25 -5.13 16.97
C VAL A 58 17.77 -6.11 15.91
N HIS A 59 17.09 -7.23 15.76
CA HIS A 59 17.41 -8.21 14.73
C HIS A 59 17.16 -7.66 13.33
N MET A 60 16.11 -6.86 13.18
CA MET A 60 15.75 -6.30 11.89
C MET A 60 16.81 -5.33 11.39
N ILE A 61 17.33 -4.52 12.31
CA ILE A 61 18.34 -3.52 11.99
C ILE A 61 19.60 -4.19 11.43
N ASN A 62 20.03 -5.27 12.07
CA ASN A 62 21.21 -6.01 11.62
C ASN A 62 20.93 -6.82 10.36
N TRP A 63 19.68 -7.24 10.20
CA TRP A 63 19.26 -7.92 8.99
C TRP A 63 19.30 -6.98 7.80
N ALA A 64 18.82 -5.75 8.00
CA ALA A 64 18.76 -4.74 6.96
C ALA A 64 20.15 -4.45 6.38
N LYS A 65 21.16 -4.46 7.25
CA LYS A 65 22.53 -4.21 6.83
C LYS A 65 23.08 -5.32 5.94
N ARG A 66 22.39 -6.46 5.93
CA ARG A 66 22.82 -7.58 5.10
C ARG A 66 22.00 -7.68 3.82
N VAL A 67 20.99 -6.83 3.70
CA VAL A 67 20.24 -6.74 2.45
C VAL A 67 21.10 -6.03 1.40
N PRO A 68 21.40 -6.72 0.29
CA PRO A 68 22.28 -6.21 -0.77
C PRO A 68 21.96 -4.78 -1.21
N GLY A 69 22.95 -3.90 -1.11
CA GLY A 69 22.79 -2.52 -1.56
C GLY A 69 22.41 -1.55 -0.47
N PHE A 70 21.97 -2.06 0.68
CA PHE A 70 21.45 -1.23 1.75
C PHE A 70 22.55 -0.40 2.45
N VAL A 71 23.71 -1.01 2.66
CA VAL A 71 24.79 -0.33 3.36
C VAL A 71 25.51 0.67 2.46
N ASP A 72 25.19 0.65 1.17
CA ASP A 72 25.75 1.61 0.23
C ASP A 72 25.09 2.99 0.42
N LEU A 73 23.97 3.00 1.13
CA LEU A 73 23.23 4.22 1.38
C LEU A 73 23.81 4.99 2.58
N THR A 74 23.54 6.29 2.63
CA THR A 74 23.92 7.09 3.78
C THR A 74 23.17 6.64 5.03
N LEU A 75 23.70 6.94 6.20
CA LEU A 75 23.04 6.58 7.46
C LEU A 75 21.67 7.23 7.57
N HIS A 76 21.57 8.44 7.05
N HIS A 76 21.57 8.45 7.05
CA HIS A 76 20.30 9.18 7.08
CA HIS A 76 20.33 9.21 7.02
C HIS A 76 19.24 8.48 6.21
C HIS A 76 19.25 8.47 6.23
N ASP A 77 19.65 7.89 5.11
CA ASP A 77 18.73 7.17 4.23
C ASP A 77 18.39 5.80 4.77
N GLN A 78 19.36 5.15 5.41
CA GLN A 78 19.12 3.88 6.08
C GLN A 78 18.09 4.07 7.19
N VAL A 79 18.31 5.09 8.01
CA VAL A 79 17.39 5.45 9.09
C VAL A 79 15.98 5.66 8.56
N HIS A 80 15.87 6.43 7.48
CA HIS A 80 14.58 6.76 6.90
C HIS A 80 13.82 5.52 6.40
N LEU A 81 14.53 4.65 5.69
CA LEU A 81 13.93 3.44 5.14
C LEU A 81 13.40 2.51 6.24
N LEU A 82 14.17 2.35 7.30
CA LEU A 82 13.78 1.48 8.41
C LEU A 82 12.66 2.11 9.22
N GLU A 83 12.74 3.42 9.43
CA GLU A 83 11.69 4.14 10.15
C GLU A 83 10.35 4.00 9.43
N CYS A 84 10.41 3.95 8.10
CA CYS A 84 9.20 3.90 7.28
C CYS A 84 8.60 2.50 7.19
N ALA A 85 9.46 1.48 7.16
CA ALA A 85 9.02 0.13 6.82
C ALA A 85 9.01 -0.87 7.99
N TRP A 86 9.42 -0.44 9.18
CA TRP A 86 9.65 -1.38 10.29
C TRP A 86 8.41 -2.20 10.67
N LEU A 87 7.25 -1.57 10.69
CA LEU A 87 6.02 -2.29 11.06
C LEU A 87 5.55 -3.20 9.93
N GLU A 88 5.71 -2.73 8.70
CA GLU A 88 5.42 -3.55 7.52
C GLU A 88 6.23 -4.84 7.56
N ILE A 89 7.50 -4.70 7.92
CA ILE A 89 8.43 -5.82 7.94
C ILE A 89 8.10 -6.79 9.07
N LEU A 90 7.73 -6.25 10.23
CA LEU A 90 7.29 -7.07 11.35
C LEU A 90 6.03 -7.84 10.99
N MET A 91 5.13 -7.17 10.29
CA MET A 91 3.84 -7.76 9.94
C MET A 91 3.94 -8.85 8.87
N ILE A 92 4.78 -8.64 7.86
CA ILE A 92 4.89 -9.65 6.80
C ILE A 92 5.63 -10.87 7.35
N GLY A 93 6.48 -10.66 8.34
CA GLY A 93 7.16 -11.76 9.01
C GLY A 93 6.18 -12.56 9.82
N LEU A 94 5.31 -11.86 10.54
CA LEU A 94 4.26 -12.48 11.33
C LEU A 94 3.30 -13.28 10.45
N VAL A 95 2.90 -12.67 9.35
CA VAL A 95 1.99 -13.30 8.40
C VAL A 95 2.63 -14.54 7.79
N TRP A 96 3.93 -14.48 7.55
CA TRP A 96 4.67 -15.61 6.98
C TRP A 96 4.69 -16.82 7.92
N ARG A 97 5.05 -16.60 9.18
CA ARG A 97 5.17 -17.71 10.12
C ARG A 97 3.80 -18.16 10.64
N SER A 98 2.75 -17.44 10.25
CA SER A 98 1.39 -17.81 10.62
C SER A 98 0.70 -18.63 9.52
N MET A 99 1.39 -18.80 8.40
CA MET A 99 0.84 -19.47 7.22
C MET A 99 0.26 -20.85 7.52
N GLU A 100 0.99 -21.66 8.27
CA GLU A 100 0.57 -23.02 8.55
C GLU A 100 -0.33 -23.13 9.78
N HIS A 101 -0.88 -21.99 10.19
CA HIS A 101 -1.79 -21.96 11.34
C HIS A 101 -3.05 -21.18 11.03
N PRO A 102 -3.99 -21.80 10.29
CA PRO A 102 -5.25 -21.16 9.88
C PRO A 102 -6.04 -20.61 11.06
N GLY A 103 -6.43 -19.33 10.96
CA GLY A 103 -7.22 -18.70 12.00
C GLY A 103 -6.41 -18.21 13.18
N LYS A 104 -5.09 -18.34 13.10
CA LYS A 104 -4.22 -17.98 14.21
C LYS A 104 -3.00 -17.19 13.77
N LEU A 105 -2.51 -16.33 14.67
CA LEU A 105 -1.31 -15.54 14.43
C LEU A 105 -0.17 -16.00 15.34
N LEU A 106 0.91 -16.46 14.74
CA LEU A 106 2.06 -16.91 15.51
C LEU A 106 3.05 -15.78 15.75
N PHE A 107 2.77 -14.96 16.76
CA PHE A 107 3.70 -13.90 17.13
C PHE A 107 5.00 -14.54 17.59
N ALA A 108 4.87 -15.62 18.34
CA ALA A 108 5.99 -16.39 18.84
C ALA A 108 5.55 -17.85 18.96
N PRO A 109 6.50 -18.80 19.04
CA PRO A 109 6.11 -20.19 19.23
C PRO A 109 5.30 -20.43 20.51
N ASN A 110 5.45 -19.56 21.49
CA ASN A 110 4.72 -19.67 22.74
C ASN A 110 3.59 -18.63 22.84
N LEU A 111 3.32 -17.96 21.73
CA LEU A 111 2.26 -16.97 21.69
C LEU A 111 1.47 -17.06 20.36
N LEU A 112 0.55 -18.02 20.31
CA LEU A 112 -0.29 -18.25 19.14
C LEU A 112 -1.71 -17.76 19.43
N LEU A 113 -2.11 -16.67 18.79
CA LEU A 113 -3.38 -16.01 19.13
C LEU A 113 -4.42 -16.02 18.00
N ASP A 114 -5.68 -16.21 18.37
CA ASP A 114 -6.78 -16.09 17.42
C ASP A 114 -7.45 -14.73 17.56
N ARG A 115 -8.47 -14.46 16.75
CA ARG A 115 -9.08 -13.14 16.70
C ARG A 115 -9.84 -12.81 18.00
N ASN A 116 -10.30 -13.85 18.69
CA ASN A 116 -11.04 -13.65 19.94
C ASN A 116 -10.14 -13.18 21.06
N GLN A 117 -8.87 -13.57 21.00
CA GLN A 117 -7.88 -13.12 21.97
C GLN A 117 -7.44 -11.71 21.65
N GLY A 118 -7.60 -11.32 20.39
CA GLY A 118 -7.30 -9.96 19.97
C GLY A 118 -8.30 -8.97 20.56
N LYS A 119 -9.50 -9.46 20.87
CA LYS A 119 -10.55 -8.62 21.46
C LYS A 119 -10.15 -8.08 22.82
N CYS A 120 -9.17 -8.73 23.45
CA CYS A 120 -8.68 -8.31 24.76
C CYS A 120 -8.18 -6.86 24.74
N VAL A 121 -7.62 -6.46 23.61
CA VAL A 121 -7.16 -5.08 23.42
C VAL A 121 -8.13 -4.30 22.56
N GLU A 122 -8.50 -3.11 23.01
CA GLU A 122 -9.44 -2.26 22.30
C GLU A 122 -8.96 -1.93 20.89
N GLY A 123 -9.76 -2.30 19.90
CA GLY A 123 -9.48 -1.95 18.51
C GLY A 123 -8.45 -2.82 17.81
N MET A 124 -7.96 -3.86 18.49
CA MET A 124 -6.89 -4.67 17.92
C MET A 124 -7.42 -5.81 17.05
N VAL A 125 -8.64 -6.27 17.32
CA VAL A 125 -9.21 -7.38 16.57
C VAL A 125 -9.34 -7.03 15.07
N GLU A 126 -9.53 -5.75 14.78
CA GLU A 126 -9.58 -5.28 13.40
C GLU A 126 -8.23 -5.49 12.72
N ILE A 127 -7.16 -5.23 13.45
CA ILE A 127 -5.81 -5.46 12.94
C ILE A 127 -5.55 -6.95 12.74
N PHE A 128 -5.96 -7.75 13.73
CA PHE A 128 -5.78 -9.20 13.66
C PHE A 128 -6.47 -9.79 12.43
N ASP A 129 -7.70 -9.35 12.18
CA ASP A 129 -8.47 -9.83 11.03
C ASP A 129 -7.74 -9.59 9.72
N MET A 130 -7.19 -8.39 9.56
CA MET A 130 -6.45 -8.04 8.36
C MET A 130 -5.20 -8.91 8.22
N LEU A 131 -4.48 -9.08 9.32
CA LEU A 131 -3.30 -9.94 9.35
C LEU A 131 -3.64 -11.38 8.99
N LEU A 132 -4.73 -11.88 9.56
CA LEU A 132 -5.18 -13.24 9.30
C LEU A 132 -5.59 -13.43 7.83
N ALA A 133 -6.23 -12.42 7.27
CA ALA A 133 -6.66 -12.47 5.87
C ALA A 133 -5.46 -12.50 4.94
N THR A 134 -4.41 -11.78 5.30
CA THR A 134 -3.18 -11.76 4.52
C THR A 134 -2.50 -13.13 4.59
N SER A 135 -2.51 -13.72 5.78
CA SER A 135 -1.94 -15.04 6.00
C SER A 135 -2.66 -16.11 5.20
N SER A 136 -3.98 -15.97 5.09
CA SER A 136 -4.79 -16.89 4.30
C SER A 136 -4.47 -16.71 2.81
N ARG A 137 -4.18 -15.48 2.43
CA ARG A 137 -3.84 -15.16 1.04
C ARG A 137 -2.52 -15.80 0.64
N PHE A 138 -1.51 -15.65 1.49
CA PHE A 138 -0.21 -16.28 1.24
C PHE A 138 -0.35 -17.80 1.21
N ARG A 139 -1.22 -18.33 2.06
CA ARG A 139 -1.45 -19.77 2.12
C ARG A 139 -2.17 -20.27 0.88
N MET A 140 -3.11 -19.47 0.38
CA MET A 140 -3.84 -19.81 -0.82
C MET A 140 -2.94 -19.74 -2.05
N MET A 141 -1.96 -18.84 -2.02
CA MET A 141 -1.01 -18.69 -3.12
C MET A 141 0.15 -19.66 -3.02
N ASN A 142 0.26 -20.34 -1.87
CA ASN A 142 1.37 -21.23 -1.58
C ASN A 142 2.70 -20.47 -1.69
N LEU A 143 2.78 -19.34 -0.98
CA LEU A 143 3.97 -18.50 -0.98
C LEU A 143 5.20 -19.28 -0.53
N GLN A 144 6.28 -19.17 -1.29
CA GLN A 144 7.50 -19.88 -0.98
C GLN A 144 8.46 -19.02 -0.15
N GLY A 145 9.33 -19.67 0.61
CA GLY A 145 10.29 -18.98 1.47
C GLY A 145 11.18 -18.03 0.70
N GLU A 146 11.65 -18.47 -0.47
CA GLU A 146 12.49 -17.64 -1.31
C GLU A 146 11.75 -16.39 -1.80
N GLU A 147 10.46 -16.55 -2.08
CA GLU A 147 9.64 -15.43 -2.52
C GLU A 147 9.41 -14.45 -1.38
N PHE A 148 9.24 -15.00 -0.17
CA PHE A 148 8.96 -14.18 1.01
C PHE A 148 10.10 -13.24 1.34
N VAL A 149 11.34 -13.72 1.27
CA VAL A 149 12.49 -12.89 1.62
C VAL A 149 12.73 -11.83 0.56
N CYS A 150 12.33 -12.10 -0.67
CA CYS A 150 12.39 -11.09 -1.73
C CYS A 150 11.38 -9.97 -1.45
N LEU A 151 10.18 -10.36 -1.04
CA LEU A 151 9.12 -9.40 -0.73
C LEU A 151 9.50 -8.52 0.46
N LYS A 152 10.07 -9.12 1.49
CA LYS A 152 10.43 -8.38 2.69
C LYS A 152 11.52 -7.35 2.39
N SER A 153 12.45 -7.72 1.52
CA SER A 153 13.52 -6.80 1.12
C SER A 153 12.98 -5.69 0.21
N ILE A 154 12.00 -6.02 -0.61
CA ILE A 154 11.36 -5.03 -1.47
C ILE A 154 10.70 -3.96 -0.61
N ILE A 155 9.98 -4.40 0.44
CA ILE A 155 9.34 -3.49 1.38
C ILE A 155 10.35 -2.51 2.00
N LEU A 156 11.49 -3.04 2.42
CA LEU A 156 12.52 -2.23 3.05
C LEU A 156 13.04 -1.13 2.14
N LEU A 157 13.26 -1.47 0.87
CA LEU A 157 13.84 -0.53 -0.07
C LEU A 157 12.81 0.42 -0.67
N ASN A 158 11.58 -0.07 -0.86
CA ASN A 158 10.57 0.68 -1.60
C ASN A 158 9.72 1.63 -0.76
N SER A 159 9.28 1.18 0.40
CA SER A 159 8.28 1.91 1.19
C SER A 159 8.65 3.36 1.47
N GLY A 160 9.94 3.62 1.70
CA GLY A 160 10.38 4.95 2.04
C GLY A 160 11.12 5.69 0.94
N VAL A 161 11.22 5.07 -0.24
CA VAL A 161 11.99 5.66 -1.32
C VAL A 161 11.29 6.87 -1.94
N TYR A 162 9.97 6.94 -1.80
CA TYR A 162 9.20 8.03 -2.40
C TYR A 162 9.14 9.23 -1.48
N THR A 163 9.73 9.10 -0.30
CA THR A 163 9.75 10.19 0.68
C THR A 163 11.13 10.84 0.71
N PHE A 164 11.97 10.46 -0.25
CA PHE A 164 13.29 11.06 -0.39
C PHE A 164 13.19 12.51 -0.86
N GLU A 173 22.91 9.43 -7.53
CA GLU A 173 21.58 9.49 -6.91
C GLU A 173 21.34 8.30 -5.99
N GLU A 174 20.92 8.58 -4.76
CA GLU A 174 20.61 7.52 -3.81
C GLU A 174 19.34 6.78 -4.25
N LYS A 175 18.37 7.53 -4.76
CA LYS A 175 17.11 6.95 -5.22
C LYS A 175 17.31 6.01 -6.41
N ASP A 176 18.24 6.35 -7.28
CA ASP A 176 18.50 5.54 -8.46
C ASP A 176 19.18 4.22 -8.10
N HIS A 177 20.06 4.26 -7.11
CA HIS A 177 20.73 3.05 -6.64
C HIS A 177 19.72 2.07 -6.04
N ILE A 178 18.76 2.60 -5.30
CA ILE A 178 17.71 1.79 -4.69
C ILE A 178 16.85 1.11 -5.74
N HIS A 179 16.54 1.83 -6.80
CA HIS A 179 15.69 1.30 -7.87
C HIS A 179 16.41 0.22 -8.67
N ARG A 180 17.72 0.35 -8.81
CA ARG A 180 18.52 -0.67 -9.50
C ARG A 180 18.48 -1.98 -8.72
N VAL A 181 18.56 -1.87 -7.39
CA VAL A 181 18.53 -3.04 -6.53
C VAL A 181 17.15 -3.68 -6.54
N LEU A 182 16.10 -2.85 -6.53
CA LEU A 182 14.73 -3.33 -6.60
C LEU A 182 14.49 -4.10 -7.89
N ASP A 183 15.07 -3.61 -8.99
CA ASP A 183 14.99 -4.30 -10.27
C ASP A 183 15.66 -5.67 -10.21
N LYS A 184 16.79 -5.75 -9.49
CA LYS A 184 17.49 -7.01 -9.30
C LYS A 184 16.60 -8.03 -8.60
N ILE A 185 15.88 -7.56 -7.59
CA ILE A 185 14.98 -8.43 -6.83
C ILE A 185 13.81 -8.88 -7.67
N THR A 186 13.35 -8.02 -8.57
CA THR A 186 12.31 -8.39 -9.53
C THR A 186 12.81 -9.52 -10.42
N ASP A 187 14.02 -9.35 -10.94
CA ASP A 187 14.66 -10.38 -11.76
C ASP A 187 14.75 -11.69 -11.00
N THR A 188 15.05 -11.58 -9.71
CA THR A 188 15.21 -12.75 -8.84
C THR A 188 13.88 -13.49 -8.65
N LEU A 189 12.82 -12.73 -8.38
CA LEU A 189 11.49 -13.31 -8.23
C LEU A 189 11.07 -14.05 -9.49
N ILE A 190 11.25 -13.41 -10.64
CA ILE A 190 10.94 -14.03 -11.93
C ILE A 190 11.75 -15.30 -12.13
N HIS A 191 13.04 -15.22 -11.81
CA HIS A 191 13.95 -16.37 -11.90
C HIS A 191 13.42 -17.55 -11.09
N LEU A 192 13.01 -17.28 -9.86
CA LEU A 192 12.48 -18.30 -8.97
C LEU A 192 11.22 -18.96 -9.54
N MET A 193 10.33 -18.15 -10.09
CA MET A 193 9.08 -18.66 -10.64
C MET A 193 9.31 -19.51 -11.88
N ALA A 194 10.23 -19.07 -12.73
CA ALA A 194 10.60 -19.83 -13.93
C ALA A 194 11.23 -21.17 -13.53
N LYS A 195 12.08 -21.13 -12.53
CA LYS A 195 12.77 -22.33 -12.03
C LYS A 195 11.78 -23.31 -11.41
N ALA A 196 10.65 -22.78 -10.95
CA ALA A 196 9.60 -23.60 -10.34
C ALA A 196 8.66 -24.20 -11.39
N GLY A 197 8.87 -23.81 -12.65
CA GLY A 197 8.12 -24.40 -13.75
C GLY A 197 6.93 -23.58 -14.23
N LEU A 198 6.74 -22.39 -13.67
CA LEU A 198 5.64 -21.53 -14.08
C LEU A 198 5.85 -21.02 -15.49
N THR A 199 4.78 -21.01 -16.28
CA THR A 199 4.85 -20.51 -17.65
C THR A 199 5.13 -19.01 -17.64
N LEU A 200 5.56 -18.49 -18.78
CA LEU A 200 5.90 -17.07 -18.90
C LEU A 200 4.76 -16.17 -18.45
N GLN A 201 3.54 -16.53 -18.83
CA GLN A 201 2.36 -15.75 -18.45
CA GLN A 201 2.36 -15.76 -18.45
C GLN A 201 2.09 -15.87 -16.96
N GLN A 202 2.23 -17.08 -16.42
CA GLN A 202 2.04 -17.32 -15.00
C GLN A 202 3.03 -16.52 -14.17
N GLN A 203 4.21 -16.28 -14.74
CA GLN A 203 5.28 -15.57 -14.05
C GLN A 203 4.91 -14.12 -13.74
N HIS A 204 4.46 -13.38 -14.75
CA HIS A 204 4.13 -11.97 -14.53
C HIS A 204 2.80 -11.84 -13.80
N GLN A 205 1.94 -12.85 -13.91
CA GLN A 205 0.70 -12.86 -13.17
C GLN A 205 0.95 -13.03 -11.68
N ARG A 206 1.84 -13.95 -11.33
CA ARG A 206 2.16 -14.20 -9.92
C ARG A 206 2.94 -13.03 -9.33
N LEU A 207 3.86 -12.48 -10.13
CA LEU A 207 4.63 -11.32 -9.72
C LEU A 207 3.70 -10.18 -9.32
N ALA A 208 2.65 -9.97 -10.11
CA ALA A 208 1.66 -8.95 -9.83
C ALA A 208 0.89 -9.25 -8.54
N GLN A 209 0.49 -10.50 -8.38
CA GLN A 209 -0.27 -10.93 -7.21
C GLN A 209 0.50 -10.67 -5.92
N LEU A 210 1.79 -11.00 -5.94
CA LEU A 210 2.64 -10.83 -4.77
C LEU A 210 2.84 -9.36 -4.40
N LEU A 211 3.04 -8.52 -5.41
CA LEU A 211 3.33 -7.11 -5.18
C LEU A 211 2.09 -6.33 -4.77
N LEU A 212 0.93 -6.76 -5.23
CA LEU A 212 -0.33 -6.11 -4.86
C LEU A 212 -0.66 -6.34 -3.39
N ILE A 213 -0.17 -7.44 -2.84
CA ILE A 213 -0.36 -7.74 -1.42
C ILE A 213 0.40 -6.74 -0.56
N LEU A 214 1.49 -6.20 -1.10
CA LEU A 214 2.29 -5.19 -0.41
C LEU A 214 1.48 -3.92 -0.16
N SER A 215 0.47 -3.67 -0.98
CA SER A 215 -0.41 -2.53 -0.77
C SER A 215 -1.28 -2.77 0.46
N HIS A 216 -1.66 -4.03 0.69
CA HIS A 216 -2.45 -4.37 1.86
C HIS A 216 -1.59 -4.34 3.11
N ILE A 217 -0.33 -4.76 2.97
CA ILE A 217 0.62 -4.74 4.08
C ILE A 217 0.90 -3.30 4.51
N ARG A 218 1.09 -2.42 3.54
CA ARG A 218 1.23 -0.99 3.81
C ARG A 218 0.03 -0.47 4.58
N HIS A 219 -1.16 -0.89 4.15
CA HIS A 219 -2.41 -0.50 4.79
C HIS A 219 -2.47 -0.95 6.25
N MET A 220 -2.11 -2.22 6.49
CA MET A 220 -2.12 -2.77 7.84
C MET A 220 -1.13 -2.03 8.74
N SER A 221 -0.01 -1.62 8.16
CA SER A 221 1.01 -0.87 8.89
C SER A 221 0.48 0.49 9.36
N ASN A 222 -0.16 1.21 8.44
CA ASN A 222 -0.74 2.52 8.75
C ASN A 222 -1.78 2.43 9.85
N LYS A 223 -2.63 1.42 9.76
CA LYS A 223 -3.65 1.16 10.79
C LYS A 223 -2.99 0.75 12.10
N GLY A 224 -1.96 -0.08 12.02
CA GLY A 224 -1.24 -0.53 13.20
C GLY A 224 -0.50 0.60 13.88
N MET A 225 0.02 1.53 13.08
CA MET A 225 0.76 2.67 13.61
C MET A 225 -0.17 3.56 14.43
N GLU A 226 -1.36 3.80 13.90
CA GLU A 226 -2.38 4.60 14.58
C GLU A 226 -2.88 3.93 15.86
N HIS A 227 -3.00 2.60 15.82
CA HIS A 227 -3.45 1.84 16.98
C HIS A 227 -2.39 1.85 18.08
N LEU A 228 -1.14 1.68 17.69
CA LEU A 228 -0.03 1.71 18.63
C LEU A 228 0.09 3.09 19.27
N TYR A 229 -0.04 4.13 18.44
CA TYR A 229 -0.03 5.51 18.91
C TYR A 229 -1.17 5.74 19.90
N SER A 230 -2.33 5.17 19.59
CA SER A 230 -3.50 5.27 20.46
C SER A 230 -3.26 4.64 21.83
N MET A 231 -2.60 3.49 21.84
CA MET A 231 -2.29 2.80 23.09
C MET A 231 -1.28 3.59 23.92
N LYS A 232 -0.30 4.19 23.24
CA LYS A 232 0.71 5.00 23.91
C LYS A 232 0.11 6.24 24.56
N CYS A 233 -0.75 6.94 23.82
CA CYS A 233 -1.32 8.20 24.27
C CYS A 233 -2.42 8.01 25.31
N LYS A 234 -2.73 6.75 25.63
CA LYS A 234 -3.68 6.46 26.70
C LYS A 234 -2.96 5.78 27.86
N ASN A 235 -1.63 5.81 27.82
CA ASN A 235 -0.78 5.20 28.85
C ASN A 235 -1.14 3.74 29.15
N VAL A 236 -1.56 3.02 28.13
CA VAL A 236 -1.89 1.61 28.28
C VAL A 236 -0.64 0.78 28.52
N VAL A 237 0.43 1.13 27.82
CA VAL A 237 1.67 0.36 27.86
C VAL A 237 2.88 1.28 27.68
N PRO A 238 3.93 1.06 28.48
CA PRO A 238 5.17 1.81 28.28
C PRO A 238 6.00 1.25 27.12
N LEU A 239 6.17 2.04 26.07
CA LEU A 239 6.96 1.62 24.92
C LEU A 239 8.45 1.86 25.16
N SER A 240 9.28 0.96 24.67
CA SER A 240 10.73 1.14 24.75
C SER A 240 11.14 2.40 23.99
N ASP A 241 12.28 2.97 24.36
CA ASP A 241 12.76 4.21 23.73
C ASP A 241 12.93 4.03 22.22
N LEU A 242 13.33 2.84 21.80
CA LEU A 242 13.49 2.55 20.38
C LEU A 242 12.14 2.58 19.67
N LEU A 243 11.16 1.91 20.26
CA LEU A 243 9.81 1.88 19.70
C LEU A 243 9.19 3.27 19.65
N LEU A 244 9.42 4.05 20.70
CA LEU A 244 8.92 5.43 20.75
C LEU A 244 9.47 6.25 19.60
N GLU A 245 10.73 6.01 19.26
CA GLU A 245 11.39 6.72 18.17
C GLU A 245 10.87 6.28 16.81
N MET A 246 10.73 4.97 16.63
CA MET A 246 10.22 4.41 15.37
C MET A 246 8.80 4.92 15.12
N LEU A 247 8.02 5.00 16.19
CA LEU A 247 6.64 5.49 16.11
C LEU A 247 6.61 6.99 15.85
N ASP A 248 7.52 7.73 16.50
CA ASP A 248 7.59 9.18 16.36
C ASP A 248 7.93 9.59 14.94
N ALA A 249 8.64 8.72 14.22
CA ALA A 249 9.07 9.00 12.86
C ALA A 249 7.89 9.19 11.90
N HIS A 250 6.73 8.68 12.30
CA HIS A 250 5.54 8.76 11.46
C HIS A 250 4.67 9.96 11.81
N ARG A 251 5.00 10.62 12.91
CA ARG A 251 4.36 11.88 13.32
C ARG A 251 2.84 11.86 13.23
N LEU A 252 2.22 11.07 14.10
CA LEU A 252 0.76 10.93 14.09
C LEU A 252 0.09 11.97 14.98
N SER B 8 -18.23 -12.61 -16.17
CA SER B 8 -18.60 -13.67 -17.09
C SER B 8 -18.45 -13.22 -18.53
N LEU B 9 -17.72 -12.12 -18.73
CA LEU B 9 -17.54 -11.56 -20.07
C LEU B 9 -16.22 -10.78 -20.15
N ALA B 10 -15.78 -10.25 -19.01
CA ALA B 10 -14.54 -9.51 -18.93
C ALA B 10 -13.34 -10.43 -19.15
N LEU B 11 -13.57 -11.72 -18.94
CA LEU B 11 -12.54 -12.74 -19.15
C LEU B 11 -12.35 -13.01 -20.63
N SER B 12 -13.34 -12.63 -21.44
CA SER B 12 -13.30 -12.87 -22.88
C SER B 12 -12.60 -11.73 -23.62
N LEU B 13 -12.35 -10.64 -22.91
CA LEU B 13 -11.73 -9.47 -23.51
C LEU B 13 -10.27 -9.72 -23.89
N THR B 14 -9.89 -9.26 -25.08
CA THR B 14 -8.49 -9.27 -25.47
C THR B 14 -7.79 -8.12 -24.76
N ALA B 15 -6.46 -8.10 -24.87
CA ALA B 15 -5.68 -7.03 -24.26
C ALA B 15 -6.02 -5.67 -24.86
N ASP B 16 -6.16 -5.64 -26.19
CA ASP B 16 -6.53 -4.41 -26.89
C ASP B 16 -7.93 -3.95 -26.51
N GLN B 17 -8.83 -4.91 -26.30
CA GLN B 17 -10.21 -4.62 -25.94
C GLN B 17 -10.30 -4.13 -24.49
N MET B 18 -9.43 -4.64 -23.63
CA MET B 18 -9.37 -4.18 -22.25
C MET B 18 -8.96 -2.71 -22.21
N VAL B 19 -7.90 -2.37 -22.93
CA VAL B 19 -7.44 -0.99 -23.05
C VAL B 19 -8.55 -0.09 -23.56
N SER B 20 -9.17 -0.52 -24.66
CA SER B 20 -10.25 0.24 -25.29
C SER B 20 -11.41 0.48 -24.34
N ALA B 21 -11.83 -0.57 -23.63
CA ALA B 21 -12.92 -0.46 -22.68
C ALA B 21 -12.56 0.49 -21.54
N LEU B 22 -11.32 0.42 -21.07
CA LEU B 22 -10.85 1.25 -19.97
C LEU B 22 -10.70 2.71 -20.37
N LEU B 23 -10.16 2.95 -21.57
CA LEU B 23 -10.00 4.31 -22.07
C LEU B 23 -11.35 5.01 -22.24
N ASP B 24 -12.33 4.26 -22.72
CA ASP B 24 -13.65 4.81 -22.97
C ASP B 24 -14.46 4.99 -21.68
N ALA B 25 -14.06 4.28 -20.63
CA ALA B 25 -14.74 4.36 -19.36
C ALA B 25 -14.25 5.55 -18.54
N GLU B 26 -13.19 6.19 -19.01
CA GLU B 26 -12.55 7.29 -18.29
C GLU B 26 -13.52 8.42 -17.96
N PRO B 27 -13.50 8.87 -16.70
CA PRO B 27 -14.36 9.96 -16.23
C PRO B 27 -13.91 11.29 -16.83
N PRO B 28 -14.80 12.29 -16.81
CA PRO B 28 -14.44 13.63 -17.31
C PRO B 28 -13.52 14.39 -16.34
N ILE B 29 -12.81 15.37 -16.85
CA ILE B 29 -12.02 16.26 -16.01
C ILE B 29 -12.88 17.46 -15.63
N LEU B 30 -13.12 17.61 -14.33
CA LEU B 30 -14.01 18.65 -13.84
C LEU B 30 -13.26 19.95 -13.52
N TYR B 31 -13.99 21.07 -13.57
CA TYR B 31 -13.44 22.36 -13.20
C TYR B 31 -13.75 22.68 -11.74
N SER B 32 -12.98 23.61 -11.18
CA SER B 32 -13.23 24.10 -9.83
C SER B 32 -14.06 25.38 -9.89
N GLU B 33 -14.65 25.78 -8.77
CA GLU B 33 -15.40 27.03 -8.70
C GLU B 33 -14.44 28.21 -8.57
N TYR B 34 -13.17 27.89 -8.34
CA TYR B 34 -12.14 28.86 -8.02
C TYR B 34 -12.21 30.17 -8.81
N ASP B 35 -12.38 31.25 -8.06
CA ASP B 35 -12.33 32.61 -8.61
C ASP B 35 -10.93 33.17 -8.43
N PRO B 36 -10.11 33.12 -9.48
CA PRO B 36 -8.69 33.47 -9.42
C PRO B 36 -8.46 34.97 -9.25
N ARG B 38 -9.56 36.49 -6.20
CA ARG B 38 -9.60 36.44 -4.74
C ARG B 38 -8.64 35.39 -4.20
N PRO B 39 -7.75 35.80 -3.27
CA PRO B 39 -6.72 34.92 -2.71
C PRO B 39 -7.27 33.94 -1.68
N PHE B 40 -6.51 32.87 -1.43
CA PHE B 40 -6.98 31.77 -0.59
C PHE B 40 -6.97 32.09 0.90
N SER B 41 -8.00 31.62 1.60
CA SER B 41 -7.93 31.45 3.04
C SER B 41 -7.83 29.96 3.28
N GLU B 42 -7.74 29.54 4.54
CA GLU B 42 -7.61 28.12 4.82
C GLU B 42 -8.91 27.37 4.53
N ALA B 43 -10.02 27.94 4.98
CA ALA B 43 -11.33 27.36 4.74
C ALA B 43 -11.68 27.37 3.26
N SER B 44 -11.26 28.43 2.56
CA SER B 44 -11.52 28.60 1.14
C SER B 44 -10.96 27.45 0.31
N MET B 45 -9.68 27.13 0.52
CA MET B 45 -9.02 26.12 -0.27
C MET B 45 -9.57 24.72 0.01
N MET B 46 -9.80 24.41 1.29
CA MET B 46 -10.39 23.13 1.66
C MET B 46 -11.77 22.97 1.04
N GLY B 47 -12.49 24.08 0.94
CA GLY B 47 -13.80 24.09 0.31
C GLY B 47 -13.71 23.70 -1.16
N LEU B 48 -12.76 24.30 -1.87
CA LEU B 48 -12.58 24.01 -3.29
C LEU B 48 -12.19 22.55 -3.52
N LEU B 49 -11.28 22.04 -2.70
CA LEU B 49 -10.76 20.69 -2.86
C LEU B 49 -11.83 19.65 -2.55
N THR B 50 -12.58 19.86 -1.48
CA THR B 50 -13.61 18.90 -1.07
C THR B 50 -14.82 18.95 -1.99
N ASN B 51 -15.19 20.15 -2.44
CA ASN B 51 -16.28 20.30 -3.40
C ASN B 51 -15.96 19.57 -4.70
N LEU B 52 -14.71 19.70 -5.13
CA LEU B 52 -14.23 19.03 -6.33
C LEU B 52 -14.28 17.52 -6.16
N ALA B 53 -13.74 17.04 -5.03
CA ALA B 53 -13.69 15.62 -4.74
C ALA B 53 -15.08 15.00 -4.72
N ASP B 54 -16.03 15.71 -4.12
CA ASP B 54 -17.41 15.24 -4.03
C ASP B 54 -18.05 15.07 -5.40
N ARG B 55 -17.83 16.04 -6.29
CA ARG B 55 -18.37 15.97 -7.64
C ARG B 55 -17.68 14.87 -8.45
N GLU B 56 -16.40 14.65 -8.17
CA GLU B 56 -15.66 13.58 -8.83
C GLU B 56 -16.14 12.20 -8.40
N LEU B 57 -16.57 12.10 -7.16
CA LEU B 57 -17.06 10.84 -6.61
C LEU B 57 -18.25 10.31 -7.41
N VAL B 58 -19.13 11.21 -7.84
CA VAL B 58 -20.30 10.83 -8.61
C VAL B 58 -19.89 10.21 -9.95
N HIS B 59 -18.91 10.81 -10.61
CA HIS B 59 -18.41 10.30 -11.88
C HIS B 59 -17.59 9.02 -11.70
N MET B 60 -16.94 8.88 -10.56
CA MET B 60 -16.13 7.69 -10.27
C MET B 60 -16.99 6.43 -10.25
N ILE B 61 -18.19 6.57 -9.72
CA ILE B 61 -19.13 5.46 -9.61
C ILE B 61 -19.62 5.01 -10.98
N ASN B 62 -19.88 5.96 -11.87
CA ASN B 62 -20.20 5.65 -13.26
C ASN B 62 -19.05 4.91 -13.92
N TRP B 63 -17.84 5.40 -13.69
CA TRP B 63 -16.63 4.79 -14.22
C TRP B 63 -16.46 3.36 -13.70
N ALA B 64 -16.65 3.19 -12.39
CA ALA B 64 -16.44 1.90 -11.75
C ALA B 64 -17.34 0.83 -12.35
N LYS B 65 -18.58 1.19 -12.64
CA LYS B 65 -19.52 0.22 -13.20
C LYS B 65 -19.20 -0.09 -14.66
N ARG B 66 -18.33 0.71 -15.27
CA ARG B 66 -17.86 0.43 -16.64
C ARG B 66 -16.52 -0.30 -16.63
N VAL B 67 -15.95 -0.47 -15.45
CA VAL B 67 -14.75 -1.28 -15.31
C VAL B 67 -15.12 -2.76 -15.47
N PRO B 68 -14.49 -3.43 -16.45
CA PRO B 68 -14.80 -4.83 -16.80
C PRO B 68 -14.78 -5.76 -15.59
N GLY B 69 -15.92 -6.40 -15.31
CA GLY B 69 -16.02 -7.36 -14.24
C GLY B 69 -16.64 -6.83 -12.96
N PHE B 70 -16.72 -5.50 -12.85
CA PHE B 70 -17.19 -4.86 -11.63
C PHE B 70 -18.68 -5.07 -11.39
N VAL B 71 -19.47 -5.03 -12.46
CA VAL B 71 -20.92 -5.18 -12.33
C VAL B 71 -21.33 -6.62 -12.06
N ASP B 72 -20.41 -7.55 -12.31
CA ASP B 72 -20.67 -8.97 -12.02
C ASP B 72 -20.74 -9.21 -10.52
N LEU B 73 -20.13 -8.32 -9.75
CA LEU B 73 -20.08 -8.43 -8.31
C LEU B 73 -21.39 -8.01 -7.66
N THR B 74 -21.63 -8.48 -6.44
CA THR B 74 -22.81 -8.09 -5.68
C THR B 74 -22.76 -6.59 -5.39
N LEU B 75 -23.93 -6.01 -5.15
CA LEU B 75 -24.03 -4.59 -4.82
C LEU B 75 -23.26 -4.30 -3.53
N HIS B 76 -23.28 -5.25 -2.60
CA HIS B 76 -22.56 -5.13 -1.34
C HIS B 76 -21.05 -5.04 -1.56
N ASP B 77 -20.54 -5.87 -2.45
CA ASP B 77 -19.10 -5.91 -2.70
C ASP B 77 -18.62 -4.72 -3.50
N GLN B 78 -19.49 -4.21 -4.39
CA GLN B 78 -19.18 -3.00 -5.13
C GLN B 78 -19.03 -1.82 -4.17
N VAL B 79 -19.92 -1.76 -3.18
CA VAL B 79 -19.87 -0.71 -2.16
C VAL B 79 -18.57 -0.79 -1.37
N HIS B 80 -18.21 -2.00 -0.94
CA HIS B 80 -16.98 -2.20 -0.17
C HIS B 80 -15.74 -1.78 -0.94
N LEU B 81 -15.67 -2.13 -2.22
CA LEU B 81 -14.50 -1.80 -3.04
C LEU B 81 -14.34 -0.29 -3.19
N LEU B 82 -15.43 0.40 -3.49
CA LEU B 82 -15.40 1.85 -3.67
C LEU B 82 -15.14 2.58 -2.35
N GLU B 83 -15.71 2.09 -1.27
CA GLU B 83 -15.50 2.69 0.05
C GLU B 83 -14.03 2.63 0.45
N CYS B 84 -13.40 1.52 0.11
CA CYS B 84 -11.99 1.31 0.43
C CYS B 84 -11.05 2.13 -0.44
N ALA B 85 -11.39 2.28 -1.72
CA ALA B 85 -10.42 2.75 -2.70
C ALA B 85 -10.66 4.16 -3.24
N TRP B 86 -11.74 4.81 -2.82
CA TRP B 86 -12.16 6.06 -3.46
C TRP B 86 -11.12 7.17 -3.42
N LEU B 87 -10.40 7.31 -2.31
CA LEU B 87 -9.40 8.36 -2.20
C LEU B 87 -8.13 8.01 -2.97
N GLU B 88 -7.79 6.72 -2.99
CA GLU B 88 -6.69 6.22 -3.82
C GLU B 88 -6.92 6.58 -5.28
N ILE B 89 -8.15 6.33 -5.73
CA ILE B 89 -8.53 6.58 -7.13
C ILE B 89 -8.50 8.07 -7.45
N LEU B 90 -8.99 8.89 -6.52
CA LEU B 90 -8.92 10.34 -6.69
C LEU B 90 -7.48 10.82 -6.79
N MET B 91 -6.62 10.26 -5.95
CA MET B 91 -5.23 10.69 -5.87
C MET B 91 -4.40 10.28 -7.07
N ILE B 92 -4.60 9.07 -7.58
CA ILE B 92 -3.83 8.64 -8.75
C ILE B 92 -4.27 9.41 -9.98
N GLY B 93 -5.54 9.83 -10.01
CA GLY B 93 -6.04 10.67 -11.07
C GLY B 93 -5.38 12.04 -11.02
N LEU B 94 -5.34 12.61 -9.83
CA LEU B 94 -4.69 13.89 -9.61
C LEU B 94 -3.21 13.85 -10.01
N VAL B 95 -2.53 12.81 -9.55
CA VAL B 95 -1.12 12.62 -9.85
C VAL B 95 -0.89 12.46 -11.35
N TRP B 96 -1.79 11.76 -12.02
CA TRP B 96 -1.68 11.54 -13.46
C TRP B 96 -1.80 12.82 -14.28
N ARG B 97 -2.76 13.67 -13.93
CA ARG B 97 -2.95 14.89 -14.69
C ARG B 97 -2.00 16.00 -14.25
N SER B 98 -1.26 15.76 -13.17
CA SER B 98 -0.24 16.70 -12.70
C SER B 98 1.14 16.32 -13.25
N MET B 99 1.20 15.26 -14.03
CA MET B 99 2.46 14.69 -14.47
C MET B 99 3.31 15.65 -15.30
N GLU B 100 2.66 16.43 -16.15
CA GLU B 100 3.39 17.35 -17.02
C GLU B 100 3.55 18.73 -16.37
N HIS B 101 3.28 18.81 -15.08
CA HIS B 101 3.42 20.06 -14.35
C HIS B 101 4.28 19.85 -13.10
N PRO B 102 5.61 19.80 -13.29
CA PRO B 102 6.57 19.58 -12.19
C PRO B 102 6.40 20.57 -11.06
N GLY B 103 6.26 20.06 -9.83
CA GLY B 103 6.14 20.92 -8.66
C GLY B 103 4.75 21.52 -8.50
N LYS B 104 3.79 21.02 -9.27
CA LYS B 104 2.42 21.55 -9.23
C LYS B 104 1.39 20.44 -9.21
N LEU B 105 0.25 20.71 -8.59
CA LEU B 105 -0.86 19.75 -8.58
C LEU B 105 -2.05 20.31 -9.35
N LEU B 106 -2.42 19.61 -10.42
CA LEU B 106 -3.53 20.03 -11.26
C LEU B 106 -4.84 19.39 -10.79
N PHE B 107 -5.43 19.97 -9.75
CA PHE B 107 -6.71 19.50 -9.24
C PHE B 107 -7.79 19.66 -10.32
N ALA B 108 -7.73 20.79 -11.00
CA ALA B 108 -8.63 21.09 -12.11
C ALA B 108 -7.87 21.98 -13.09
N PRO B 109 -8.31 22.02 -14.37
CA PRO B 109 -7.63 22.86 -15.36
C PRO B 109 -7.52 24.32 -14.93
N ASN B 110 -8.41 24.77 -14.05
CA ASN B 110 -8.39 26.13 -13.55
C ASN B 110 -7.94 26.21 -12.10
N LEU B 111 -7.47 25.10 -11.56
CA LEU B 111 -6.96 25.06 -10.19
C LEU B 111 -5.62 24.33 -10.12
N LEU B 112 -4.55 25.03 -10.48
CA LEU B 112 -3.21 24.48 -10.46
C LEU B 112 -2.44 25.03 -9.26
N LEU B 113 -2.10 24.16 -8.32
CA LEU B 113 -1.48 24.58 -7.07
C LEU B 113 -0.05 24.09 -6.93
N ASP B 114 0.85 25.01 -6.57
CA ASP B 114 2.23 24.64 -6.27
C ASP B 114 2.35 24.19 -4.82
N ARG B 115 3.52 23.70 -4.44
CA ARG B 115 3.74 23.11 -3.12
C ARG B 115 3.43 24.06 -1.97
N ASN B 116 3.91 25.30 -2.06
CA ASN B 116 3.76 26.26 -0.97
C ASN B 116 2.32 26.65 -0.68
N GLN B 117 1.43 26.44 -1.65
CA GLN B 117 0.01 26.70 -1.44
C GLN B 117 -0.64 25.56 -0.65
N GLY B 118 0.11 24.50 -0.41
CA GLY B 118 -0.34 23.44 0.46
C GLY B 118 -0.29 23.91 1.91
N LYS B 119 0.54 24.92 2.16
CA LYS B 119 0.74 25.45 3.50
C LYS B 119 -0.43 26.30 3.98
N CYS B 120 -1.35 26.61 3.05
CA CYS B 120 -2.54 27.37 3.36
C CYS B 120 -3.38 26.59 4.38
N VAL B 121 -3.39 25.27 4.23
CA VAL B 121 -4.12 24.39 5.12
C VAL B 121 -3.16 23.63 6.03
N GLU B 122 -3.46 23.63 7.33
CA GLU B 122 -2.62 22.96 8.31
C GLU B 122 -2.48 21.47 7.99
N GLY B 123 -1.23 21.03 7.85
CA GLY B 123 -0.93 19.62 7.65
C GLY B 123 -1.15 19.10 6.24
N MET B 124 -1.42 19.99 5.30
CA MET B 124 -1.71 19.56 3.94
C MET B 124 -0.47 19.52 3.05
N VAL B 125 0.53 20.34 3.38
CA VAL B 125 1.74 20.40 2.57
C VAL B 125 2.47 19.05 2.57
N GLU B 126 2.31 18.29 3.66
CA GLU B 126 2.89 16.96 3.75
C GLU B 126 2.19 16.02 2.78
N ILE B 127 0.88 16.21 2.62
CA ILE B 127 0.11 15.45 1.65
C ILE B 127 0.53 15.83 0.24
N PHE B 128 0.68 17.14 -0.01
CA PHE B 128 1.09 17.63 -1.31
C PHE B 128 2.46 17.08 -1.71
N ASP B 129 3.40 17.06 -0.77
CA ASP B 129 4.74 16.54 -1.02
C ASP B 129 4.71 15.10 -1.50
N MET B 130 3.87 14.28 -0.87
CA MET B 130 3.74 12.89 -1.26
C MET B 130 3.12 12.74 -2.65
N LEU B 131 2.12 13.56 -2.94
CA LEU B 131 1.46 13.56 -4.24
C LEU B 131 2.42 14.01 -5.34
N LEU B 132 3.16 15.08 -5.08
CA LEU B 132 4.12 15.60 -6.03
C LEU B 132 5.23 14.59 -6.32
N ALA B 133 5.70 13.90 -5.28
CA ALA B 133 6.74 12.90 -5.42
C ALA B 133 6.27 11.74 -6.31
N THR B 134 4.99 11.39 -6.17
CA THR B 134 4.41 10.34 -6.99
C THR B 134 4.33 10.79 -8.45
N SER B 135 3.93 12.05 -8.64
CA SER B 135 3.84 12.63 -9.98
C SER B 135 5.20 12.69 -10.64
N SER B 136 6.22 13.04 -9.86
CA SER B 136 7.59 13.06 -10.34
C SER B 136 8.04 11.66 -10.75
N ARG B 137 7.61 10.66 -10.00
CA ARG B 137 7.94 9.27 -10.29
C ARG B 137 7.31 8.81 -11.61
N PHE B 138 6.03 9.11 -11.78
CA PHE B 138 5.32 8.82 -13.03
C PHE B 138 6.01 9.48 -14.22
N ARG B 139 6.40 10.75 -14.03
CA ARG B 139 7.07 11.51 -15.08
C ARG B 139 8.44 10.90 -15.41
N MET B 140 9.14 10.43 -14.39
CA MET B 140 10.42 9.75 -14.55
C MET B 140 10.27 8.47 -15.39
N MET B 141 9.19 7.74 -15.14
CA MET B 141 8.96 6.47 -15.82
C MET B 141 8.31 6.64 -17.20
N ASN B 142 7.95 7.88 -17.53
CA ASN B 142 7.17 8.18 -18.73
C ASN B 142 5.91 7.32 -18.78
N LEU B 143 5.12 7.39 -17.71
CA LEU B 143 3.89 6.63 -17.60
C LEU B 143 2.93 6.97 -18.74
N GLN B 144 2.41 5.94 -19.39
CA GLN B 144 1.49 6.12 -20.51
C GLN B 144 0.04 6.10 -20.03
N GLY B 145 -0.84 6.74 -20.81
CA GLY B 145 -2.25 6.80 -20.48
C GLY B 145 -2.87 5.43 -20.37
N GLU B 146 -2.45 4.52 -21.27
CA GLU B 146 -2.95 3.16 -21.28
C GLU B 146 -2.52 2.39 -20.03
N GLU B 147 -1.33 2.70 -19.54
CA GLU B 147 -0.84 2.10 -18.31
C GLU B 147 -1.59 2.66 -17.12
N PHE B 148 -1.89 3.96 -17.19
CA PHE B 148 -2.59 4.65 -16.11
C PHE B 148 -3.98 4.07 -15.83
N VAL B 149 -4.77 3.85 -16.88
CA VAL B 149 -6.12 3.33 -16.70
C VAL B 149 -6.09 1.90 -16.16
N CYS B 150 -5.05 1.16 -16.53
CA CYS B 150 -4.85 -0.18 -15.99
C CYS B 150 -4.59 -0.12 -14.49
N LEU B 151 -3.70 0.78 -14.08
CA LEU B 151 -3.33 0.92 -12.68
C LEU B 151 -4.51 1.33 -11.81
N LYS B 152 -5.31 2.27 -12.30
CA LYS B 152 -6.45 2.77 -11.55
C LYS B 152 -7.52 1.68 -11.36
N SER B 153 -7.70 0.85 -12.39
CA SER B 153 -8.65 -0.26 -12.30
C SER B 153 -8.15 -1.32 -11.33
N ILE B 154 -6.84 -1.53 -11.31
CA ILE B 154 -6.22 -2.45 -10.37
C ILE B 154 -6.51 -2.02 -8.94
N ILE B 155 -6.34 -0.73 -8.66
CA ILE B 155 -6.62 -0.17 -7.34
C ILE B 155 -8.06 -0.44 -6.90
N LEU B 156 -9.01 -0.22 -7.80
CA LEU B 156 -10.42 -0.42 -7.51
C LEU B 156 -10.72 -1.85 -7.09
N LEU B 157 -10.13 -2.81 -7.80
CA LEU B 157 -10.42 -4.22 -7.57
C LEU B 157 -9.59 -4.83 -6.45
N ASN B 158 -8.39 -4.30 -6.23
CA ASN B 158 -7.45 -4.92 -5.31
C ASN B 158 -7.48 -4.40 -3.87
N SER B 159 -7.63 -3.09 -3.71
CA SER B 159 -7.47 -2.45 -2.42
C SER B 159 -8.36 -3.03 -1.32
N GLY B 160 -9.59 -3.39 -1.67
CA GLY B 160 -10.54 -3.85 -0.67
C GLY B 160 -10.86 -5.34 -0.70
N VAL B 161 -10.23 -6.07 -1.61
CA VAL B 161 -10.54 -7.48 -1.80
C VAL B 161 -10.08 -8.33 -0.61
N TYR B 162 -9.06 -7.86 0.11
CA TYR B 162 -8.50 -8.62 1.22
C TYR B 162 -9.39 -8.56 2.46
N THR B 163 -10.31 -7.62 2.47
CA THR B 163 -11.21 -7.44 3.61
C THR B 163 -12.63 -7.91 3.32
N PHE B 164 -12.74 -8.99 2.55
CA PHE B 164 -14.04 -9.60 2.29
C PHE B 164 -14.33 -10.76 3.24
N LEU B 169 -18.63 -18.73 3.03
CA LEU B 169 -19.76 -18.83 2.10
C LEU B 169 -19.29 -18.75 0.66
N LYS B 170 -20.22 -18.41 -0.24
CA LYS B 170 -19.88 -18.23 -1.65
C LYS B 170 -19.29 -16.83 -1.89
N SER B 171 -18.62 -16.31 -0.87
CA SER B 171 -17.91 -15.04 -0.97
C SER B 171 -16.62 -15.25 -1.74
N LEU B 172 -16.18 -16.50 -1.79
CA LEU B 172 -15.00 -16.90 -2.54
C LEU B 172 -15.24 -16.80 -4.04
N GLU B 173 -16.49 -16.97 -4.45
CA GLU B 173 -16.85 -16.84 -5.86
C GLU B 173 -16.60 -15.43 -6.35
N GLU B 174 -16.86 -14.45 -5.48
CA GLU B 174 -16.59 -13.06 -5.79
C GLU B 174 -15.10 -12.76 -5.80
N LYS B 175 -14.38 -13.31 -4.82
CA LYS B 175 -12.94 -13.07 -4.69
C LYS B 175 -12.17 -13.66 -5.87
N ASP B 176 -12.50 -14.90 -6.22
CA ASP B 176 -11.83 -15.59 -7.32
C ASP B 176 -12.09 -14.87 -8.65
N HIS B 177 -13.31 -14.35 -8.80
CA HIS B 177 -13.67 -13.59 -9.98
C HIS B 177 -12.85 -12.31 -10.07
N ILE B 178 -12.72 -11.61 -8.94
CA ILE B 178 -11.94 -10.38 -8.87
C ILE B 178 -10.47 -10.64 -9.22
N HIS B 179 -9.91 -11.71 -8.67
CA HIS B 179 -8.52 -12.06 -8.93
C HIS B 179 -8.31 -12.46 -10.39
N ARG B 180 -9.31 -13.10 -10.98
CA ARG B 180 -9.22 -13.52 -12.37
C ARG B 180 -9.21 -12.31 -13.29
N VAL B 181 -9.98 -11.28 -12.93
CA VAL B 181 -10.00 -10.03 -13.69
C VAL B 181 -8.70 -9.26 -13.47
N LEU B 182 -8.17 -9.33 -12.25
CA LEU B 182 -6.89 -8.69 -11.93
C LEU B 182 -5.76 -9.26 -12.77
N ASP B 183 -5.77 -10.57 -12.97
CA ASP B 183 -4.77 -11.21 -13.83
C ASP B 183 -4.90 -10.74 -15.26
N LYS B 184 -6.13 -10.47 -15.68
CA LYS B 184 -6.40 -10.00 -17.04
C LYS B 184 -5.80 -8.62 -17.28
N ILE B 185 -5.88 -7.77 -16.26
CA ILE B 185 -5.32 -6.42 -16.35
C ILE B 185 -3.80 -6.48 -16.34
N THR B 186 -3.26 -7.43 -15.59
CA THR B 186 -1.80 -7.66 -15.59
C THR B 186 -1.35 -8.05 -17.00
N ASP B 187 -2.09 -8.96 -17.63
CA ASP B 187 -1.82 -9.36 -18.99
C ASP B 187 -1.84 -8.15 -19.92
N THR B 188 -2.79 -7.25 -19.68
CA THR B 188 -2.96 -6.06 -20.48
C THR B 188 -1.77 -5.12 -20.35
N LEU B 189 -1.30 -4.93 -19.11
CA LEU B 189 -0.12 -4.11 -18.85
C LEU B 189 1.11 -4.65 -19.57
N ILE B 190 1.31 -5.96 -19.47
CA ILE B 190 2.42 -6.63 -20.12
C ILE B 190 2.32 -6.48 -21.64
N HIS B 191 1.10 -6.62 -22.15
CA HIS B 191 0.84 -6.47 -23.59
C HIS B 191 1.27 -5.10 -24.08
N LEU B 192 0.92 -4.06 -23.33
CA LEU B 192 1.29 -2.69 -23.67
C LEU B 192 2.80 -2.51 -23.71
N MET B 193 3.50 -3.15 -22.77
CA MET B 193 4.95 -3.04 -22.68
C MET B 193 5.64 -3.81 -23.79
N ALA B 194 5.14 -5.00 -24.10
CA ALA B 194 5.67 -5.79 -25.20
C ALA B 194 5.47 -5.05 -26.52
N LYS B 195 4.31 -4.42 -26.66
CA LYS B 195 3.98 -3.63 -27.84
C LYS B 195 4.89 -2.41 -27.96
N ALA B 196 5.37 -1.92 -26.83
CA ALA B 196 6.26 -0.76 -26.80
C ALA B 196 7.71 -1.15 -27.09
N GLY B 197 7.96 -2.44 -27.27
CA GLY B 197 9.28 -2.92 -27.65
C GLY B 197 10.18 -3.28 -26.49
N LEU B 198 9.63 -3.28 -25.28
CA LEU B 198 10.40 -3.66 -24.10
C LEU B 198 10.74 -5.15 -24.13
N THR B 199 11.97 -5.48 -23.73
CA THR B 199 12.37 -6.87 -23.61
C THR B 199 11.64 -7.53 -22.45
N LEU B 200 11.73 -8.85 -22.37
CA LEU B 200 11.04 -9.62 -21.34
C LEU B 200 11.46 -9.17 -19.94
N GLN B 201 12.76 -8.95 -19.75
CA GLN B 201 13.28 -8.51 -18.46
C GLN B 201 12.79 -7.10 -18.13
N GLN B 202 12.70 -6.26 -19.16
CA GLN B 202 12.24 -4.88 -18.97
C GLN B 202 10.74 -4.83 -18.68
N GLN B 203 9.98 -5.74 -19.27
CA GLN B 203 8.54 -5.82 -19.03
C GLN B 203 8.26 -6.13 -17.56
N HIS B 204 8.92 -7.17 -17.04
CA HIS B 204 8.73 -7.59 -15.67
C HIS B 204 9.20 -6.53 -14.69
N GLN B 205 10.30 -5.86 -15.02
CA GLN B 205 10.83 -4.80 -14.15
C GLN B 205 9.88 -3.61 -14.09
N ARG B 206 9.38 -3.19 -15.25
CA ARG B 206 8.47 -2.05 -15.30
C ARG B 206 7.15 -2.37 -14.60
N LEU B 207 6.62 -3.56 -14.84
CA LEU B 207 5.40 -4.00 -14.17
C LEU B 207 5.56 -3.89 -12.66
N ALA B 208 6.67 -4.39 -12.15
CA ALA B 208 6.98 -4.32 -10.73
C ALA B 208 7.05 -2.87 -10.25
N GLN B 209 7.73 -2.03 -11.03
CA GLN B 209 7.89 -0.62 -10.69
C GLN B 209 6.54 0.09 -10.55
N LEU B 210 5.64 -0.20 -11.48
CA LEU B 210 4.32 0.41 -11.48
C LEU B 210 3.49 -0.01 -10.28
N LEU B 211 3.54 -1.31 -9.95
CA LEU B 211 2.73 -1.86 -8.88
C LEU B 211 3.21 -1.45 -7.49
N LEU B 212 4.52 -1.23 -7.35
CA LEU B 212 5.08 -0.80 -6.06
C LEU B 212 4.70 0.63 -5.73
N ILE B 213 4.34 1.39 -6.76
CA ILE B 213 3.87 2.77 -6.58
C ILE B 213 2.50 2.75 -5.90
N LEU B 214 1.71 1.72 -6.20
CA LEU B 214 0.40 1.55 -5.59
C LEU B 214 0.50 1.39 -4.07
N SER B 215 1.67 0.97 -3.60
CA SER B 215 1.93 0.88 -2.16
C SER B 215 2.01 2.28 -1.55
N HIS B 216 2.63 3.20 -2.29
CA HIS B 216 2.75 4.57 -1.83
C HIS B 216 1.42 5.31 -1.94
N ILE B 217 0.66 4.97 -2.97
CA ILE B 217 -0.66 5.55 -3.18
C ILE B 217 -1.62 5.14 -2.05
N ARG B 218 -1.52 3.89 -1.62
CA ARG B 218 -2.26 3.42 -0.46
C ARG B 218 -1.87 4.23 0.78
N HIS B 219 -0.57 4.47 0.93
CA HIS B 219 -0.04 5.24 2.04
C HIS B 219 -0.58 6.67 2.04
N MET B 220 -0.62 7.28 0.87
CA MET B 220 -1.12 8.66 0.75
C MET B 220 -2.60 8.75 1.10
N SER B 221 -3.37 7.75 0.66
CA SER B 221 -4.79 7.70 0.95
C SER B 221 -5.06 7.60 2.45
N ASN B 222 -4.33 6.72 3.11
CA ASN B 222 -4.46 6.56 4.56
C ASN B 222 -4.12 7.85 5.29
N LYS B 223 -3.06 8.52 4.84
CA LYS B 223 -2.68 9.80 5.41
C LYS B 223 -3.73 10.86 5.12
N GLY B 224 -4.21 10.89 3.88
CA GLY B 224 -5.23 11.85 3.47
C GLY B 224 -6.53 11.65 4.21
N MET B 225 -6.87 10.39 4.48
CA MET B 225 -8.10 10.06 5.19
C MET B 225 -8.06 10.63 6.60
N GLU B 226 -6.90 10.53 7.24
CA GLU B 226 -6.71 11.08 8.58
C GLU B 226 -6.76 12.60 8.58
N HIS B 227 -6.13 13.21 7.58
CA HIS B 227 -6.12 14.67 7.47
C HIS B 227 -7.52 15.21 7.22
N LEU B 228 -8.24 14.55 6.32
CA LEU B 228 -9.61 14.94 5.99
C LEU B 228 -10.52 14.78 7.19
N TYR B 229 -10.27 13.74 7.99
CA TYR B 229 -11.04 13.51 9.21
C TYR B 229 -10.78 14.61 10.23
N SER B 230 -9.53 15.03 10.34
CA SER B 230 -9.16 16.09 11.27
C SER B 230 -9.80 17.41 10.88
N MET B 231 -9.79 17.71 9.59
CA MET B 231 -10.39 18.94 9.10
C MET B 231 -11.90 18.90 9.32
N LYS B 232 -12.47 17.70 9.21
CA LYS B 232 -13.89 17.49 9.45
C LYS B 232 -14.31 17.83 10.88
N CYS B 233 -13.62 17.24 11.85
CA CYS B 233 -13.96 17.42 13.26
C CYS B 233 -13.84 18.88 13.71
N LYS B 234 -12.90 19.61 13.09
CA LYS B 234 -12.70 21.01 13.44
C LYS B 234 -13.77 21.90 12.79
N ASN B 235 -14.38 21.38 11.74
CA ASN B 235 -15.38 22.11 10.94
C ASN B 235 -14.82 23.37 10.30
N VAL B 236 -13.66 23.24 9.66
CA VAL B 236 -13.12 24.31 8.84
C VAL B 236 -13.76 24.22 7.46
N VAL B 237 -14.44 23.10 7.23
CA VAL B 237 -15.07 22.84 5.94
C VAL B 237 -16.31 21.94 6.12
N PRO B 238 -17.42 22.33 5.49
CA PRO B 238 -18.64 21.50 5.48
C PRO B 238 -18.59 20.43 4.38
N LEU B 239 -18.40 19.17 4.77
CA LEU B 239 -18.32 18.08 3.82
C LEU B 239 -19.72 17.60 3.41
N SER B 240 -19.86 17.20 2.15
CA SER B 240 -21.13 16.70 1.65
C SER B 240 -21.47 15.37 2.32
N ASP B 241 -22.75 15.02 2.30
CA ASP B 241 -23.22 13.77 2.91
C ASP B 241 -22.53 12.56 2.31
N LEU B 242 -22.38 12.56 0.99
CA LEU B 242 -21.70 11.47 0.30
C LEU B 242 -20.26 11.33 0.77
N LEU B 243 -19.55 12.45 0.82
CA LEU B 243 -18.16 12.47 1.23
C LEU B 243 -18.01 11.99 2.68
N LEU B 244 -18.94 12.41 3.53
CA LEU B 244 -18.93 12.03 4.94
C LEU B 244 -19.15 10.53 5.11
N GLU B 245 -19.96 9.94 4.24
CA GLU B 245 -20.23 8.51 4.32
C GLU B 245 -19.06 7.68 3.80
N MET B 246 -18.36 8.21 2.80
CA MET B 246 -17.16 7.56 2.28
C MET B 246 -16.05 7.60 3.33
N LEU B 247 -15.95 8.72 4.04
CA LEU B 247 -14.96 8.89 5.09
C LEU B 247 -15.30 8.01 6.30
N ASP B 248 -16.59 7.87 6.57
CA ASP B 248 -17.07 7.10 7.72
C ASP B 248 -16.78 5.61 7.55
N ALA B 249 -16.70 5.17 6.29
CA ALA B 249 -16.47 3.76 5.99
C ALA B 249 -15.10 3.28 6.46
N HIS B 250 -14.17 4.20 6.62
CA HIS B 250 -12.84 3.87 7.09
C HIS B 250 -12.75 4.00 8.61
N ARG B 251 -13.87 4.39 9.22
CA ARG B 251 -14.07 4.44 10.68
C ARG B 251 -12.80 4.76 11.48
N LEU B 252 -12.30 5.98 11.33
CA LEU B 252 -11.09 6.42 12.02
C LEU B 252 -11.37 6.75 13.48
N LYS C 3 19.61 9.76 18.15
CA LYS C 3 18.66 8.71 17.83
C LYS C 3 19.26 7.34 18.06
N ILE C 4 18.48 6.45 18.67
CA ILE C 4 18.93 5.09 18.96
C ILE C 4 19.16 4.31 17.67
N LEU C 5 18.23 4.46 16.73
CA LEU C 5 18.32 3.78 15.45
C LEU C 5 19.60 4.14 14.70
N HIS C 6 19.92 5.43 14.69
CA HIS C 6 21.13 5.93 14.05
C HIS C 6 22.37 5.31 14.68
N ARG C 7 22.37 5.21 16.01
CA ARG C 7 23.47 4.60 16.74
C ARG C 7 23.58 3.11 16.47
N LEU C 8 22.42 2.45 16.42
CA LEU C 8 22.36 1.00 16.23
C LEU C 8 22.81 0.58 14.83
N LEU C 9 22.63 1.48 13.86
CA LEU C 9 22.99 1.19 12.48
C LEU C 9 24.50 1.26 12.24
N GLN C 10 25.27 1.37 13.32
CA GLN C 10 26.73 1.47 13.21
C GLN C 10 27.44 0.28 13.87
N ASP C 11 28.27 -0.41 13.09
CA ASP C 11 29.14 -1.51 13.55
C ASP C 11 28.55 -2.36 14.67
N LYS D 3 -27.36 3.77 2.39
CA LYS D 3 -26.25 4.66 2.07
C LYS D 3 -26.46 5.35 0.73
N ILE D 4 -25.85 6.52 0.57
CA ILE D 4 -25.93 7.25 -0.68
C ILE D 4 -25.21 6.49 -1.79
N LEU D 5 -24.09 5.87 -1.43
CA LEU D 5 -23.31 5.08 -2.36
C LEU D 5 -24.15 3.93 -2.93
N HIS D 6 -25.02 3.37 -2.09
CA HIS D 6 -25.97 2.35 -2.54
C HIS D 6 -26.84 2.87 -3.68
N ARG D 7 -27.47 4.03 -3.45
CA ARG D 7 -28.36 4.65 -4.43
C ARG D 7 -27.63 4.98 -5.73
N LEU D 8 -26.42 5.48 -5.60
CA LEU D 8 -25.64 5.90 -6.77
C LEU D 8 -25.24 4.73 -7.65
N LEU D 9 -24.93 3.59 -7.02
CA LEU D 9 -24.50 2.40 -7.76
C LEU D 9 -25.67 1.73 -8.48
N GLN D 10 -26.89 1.94 -7.98
CA GLN D 10 -28.08 1.39 -8.60
C GLN D 10 -28.59 2.29 -9.73
N ASP D 11 -28.43 3.60 -9.54
CA ASP D 11 -28.93 4.58 -10.50
C ASP D 11 -27.91 4.88 -11.61
N SER D 12 -27.19 3.82 -12.00
CA SER D 12 -26.14 3.79 -13.03
C SER D 12 -24.75 4.21 -12.52
C01 6WU E . 4.33 -8.27 14.52
C02 6WU E . 3.36 -7.38 14.82
C03 6WU E . 5.20 -8.04 16.61
C04 6WU E . 5.27 -8.62 15.40
C05 6WU E . 3.27 -6.78 16.03
C06 6WU E . 4.24 -7.15 16.90
O01 6WU E . 6.25 -9.52 15.08
F01 6WU E . 2.51 -7.15 13.83
C07 6WU E . 2.29 -5.88 16.34
C08 6WU E . 2.61 -4.45 16.77
C09 6WU E . 1.45 -3.49 17.01
C10 6WU E . 0.24 -4.13 17.71
C11 6WU E . -0.16 -5.43 16.98
C12 6WU E . 0.99 -6.25 16.45
C13 6WU E . 0.86 -2.84 15.75
C14 6WU E . -0.62 -2.54 16.09
C15 6WU E . -0.86 -3.08 17.50
C16 6WU E . 0.54 -4.41 19.19
O02 6WU E . -0.74 -2.03 18.43
F02 6WU E . 6.11 -8.34 17.53
C01 6WU F . -7.74 14.47 -5.50
C02 6WU F . -7.41 14.68 -4.21
C03 6WU F . -9.46 15.95 -5.34
C04 6WU F . -8.76 15.10 -6.10
C05 6WU F . -8.10 15.52 -3.42
C06 6WU F . -9.13 16.15 -4.05
O01 6WU F . -9.07 14.88 -7.40
F01 6WU F . -6.37 13.96 -3.79
C07 6WU F . -7.79 15.76 -2.11
C08 6WU F . -8.79 15.53 -0.99
C09 6WU F . -8.28 15.60 0.45
C10 6WU F . -7.31 16.76 0.70
C11 6WU F . -6.19 16.73 -0.35
C12 6WU F . -6.61 16.31 -1.74
C13 6WU F . -7.53 14.35 0.97
C14 6WU F . -6.58 14.88 2.06
C15 6WU F . -6.73 16.41 2.07
C16 6WU F . -8.04 18.12 0.68
O02 6WU F . -7.62 16.77 3.10
F02 6WU F . -10.48 16.60 -5.87
#